data_396D
# 
_entry.id   396D 
# 
_audit_conform.dict_name       mmcif_pdbx.dic 
_audit_conform.dict_version    5.387 
_audit_conform.dict_location   http://mmcif.pdb.org/dictionaries/ascii/mmcif_pdbx.dic 
# 
loop_
_database_2.database_id 
_database_2.database_code 
_database_2.pdbx_database_accession 
_database_2.pdbx_DOI 
PDB   396D         pdb_0000396d 10.2210/pdb396d/pdb 
RCSB  ADJ0113      ?            ?                   
WWPDB D_1000178860 ?            ?                   
# 
loop_
_pdbx_audit_revision_history.ordinal 
_pdbx_audit_revision_history.data_content_type 
_pdbx_audit_revision_history.major_revision 
_pdbx_audit_revision_history.minor_revision 
_pdbx_audit_revision_history.revision_date 
1 'Structure model' 1 0 1998-05-01 
2 'Structure model' 1 1 2008-05-22 
3 'Structure model' 1 2 2011-07-13 
4 'Structure model' 1 3 2017-05-03 
5 'Structure model' 1 4 2024-02-21 
# 
_pdbx_audit_revision_details.ordinal             1 
_pdbx_audit_revision_details.revision_ordinal    1 
_pdbx_audit_revision_details.data_content_type   'Structure model' 
_pdbx_audit_revision_details.provider            repository 
_pdbx_audit_revision_details.type                'Initial release' 
_pdbx_audit_revision_details.description         ? 
_pdbx_audit_revision_details.details             ? 
# 
loop_
_pdbx_audit_revision_group.ordinal 
_pdbx_audit_revision_group.revision_ordinal 
_pdbx_audit_revision_group.data_content_type 
_pdbx_audit_revision_group.group 
1 2 'Structure model' 'Version format compliance' 
2 3 'Structure model' 'Version format compliance' 
3 4 'Structure model' 'Source and taxonomy'       
4 4 'Structure model' 'Structure summary'         
5 5 'Structure model' 'Data collection'           
6 5 'Structure model' 'Database references'       
# 
loop_
_pdbx_audit_revision_category.ordinal 
_pdbx_audit_revision_category.revision_ordinal 
_pdbx_audit_revision_category.data_content_type 
_pdbx_audit_revision_category.category 
1 5 'Structure model' chem_comp_atom 
2 5 'Structure model' chem_comp_bond 
3 5 'Structure model' database_2     
# 
loop_
_pdbx_audit_revision_item.ordinal 
_pdbx_audit_revision_item.revision_ordinal 
_pdbx_audit_revision_item.data_content_type 
_pdbx_audit_revision_item.item 
1 5 'Structure model' '_database_2.pdbx_DOI'                
2 5 'Structure model' '_database_2.pdbx_database_accession' 
# 
_pdbx_database_status.status_code                     REL 
_pdbx_database_status.entry_id                        396D 
_pdbx_database_status.recvd_initial_deposition_date   1998-04-29 
_pdbx_database_status.deposit_site                    NDB 
_pdbx_database_status.process_site                    NDB 
_pdbx_database_status.SG_entry                        . 
_pdbx_database_status.pdb_format_compatible           Y 
_pdbx_database_status.status_code_mr                  ? 
_pdbx_database_status.status_code_sf                  ? 
_pdbx_database_status.status_code_cs                  ? 
_pdbx_database_status.methods_development_category    ? 
_pdbx_database_status.status_code_nmr_data            ? 
# 
loop_
_audit_author.name 
_audit_author.pdbx_ordinal 
_audit_author.identifier_ORCID 
'Ban, C.'           1 ? 
'Sundaralingam, M.' 2 ? 
# 
_citation.id                        primary 
_citation.title                     'Crystal Structures of Two Isomophous A-DNA Decamers d(GTACGCGTAC) and d(GGCCGCGGCC)' 
_citation.journal_abbrev            'To be Published' 
_citation.journal_volume            ? 
_citation.page_first                ? 
_citation.page_last                 ? 
_citation.year                      ? 
_citation.journal_id_ASTM           ? 
_citation.country                   ? 
_citation.journal_id_ISSN           ? 
_citation.journal_id_CSD            0353 
_citation.book_publisher            ? 
_citation.pdbx_database_id_PubMed   ? 
_citation.pdbx_database_id_DOI      ? 
# 
loop_
_citation_author.citation_id 
_citation_author.name 
_citation_author.ordinal 
_citation_author.identifier_ORCID 
primary 'Ban, C.'           1 ? 
primary 'Ramakrishnan, B.'  2 ? 
primary 'Sundaralingam, M.' 3 ? 
# 
loop_
_entity.id 
_entity.type 
_entity.src_method 
_entity.pdbx_description 
_entity.formula_weight 
_entity.pdbx_number_of_molecules 
_entity.pdbx_ec 
_entity.pdbx_mutation 
_entity.pdbx_fragment 
_entity.details 
1 polymer syn 
;DNA (5'-D(*GP*GP*CP*CP*GP*CP*GP*GP*CP*C)-3')
;
3046.981 1  ? ? ? ? 
2 water   nat water                                          18.015   59 ? ? ? ? 
# 
_entity_poly.entity_id                      1 
_entity_poly.type                           polydeoxyribonucleotide 
_entity_poly.nstd_linkage                   no 
_entity_poly.nstd_monomer                   no 
_entity_poly.pdbx_seq_one_letter_code       '(DG)(DG)(DC)(DC)(DG)(DC)(DG)(DG)(DC)(DC)' 
_entity_poly.pdbx_seq_one_letter_code_can   GGCCGCGGCC 
_entity_poly.pdbx_strand_id                 A 
_entity_poly.pdbx_target_identifier         ? 
# 
_pdbx_entity_nonpoly.entity_id   2 
_pdbx_entity_nonpoly.name        water 
_pdbx_entity_nonpoly.comp_id     HOH 
# 
loop_
_entity_poly_seq.entity_id 
_entity_poly_seq.num 
_entity_poly_seq.mon_id 
_entity_poly_seq.hetero 
1 1  DG n 
1 2  DG n 
1 3  DC n 
1 4  DC n 
1 5  DG n 
1 6  DC n 
1 7  DG n 
1 8  DG n 
1 9  DC n 
1 10 DC n 
# 
_pdbx_entity_src_syn.entity_id              1 
_pdbx_entity_src_syn.pdbx_src_id            1 
_pdbx_entity_src_syn.pdbx_alt_source_flag   sample 
_pdbx_entity_src_syn.pdbx_beg_seq_num       ? 
_pdbx_entity_src_syn.pdbx_end_seq_num       ? 
_pdbx_entity_src_syn.organism_scientific    'synthetic construct' 
_pdbx_entity_src_syn.organism_common_name   ? 
_pdbx_entity_src_syn.ncbi_taxonomy_id       32630 
_pdbx_entity_src_syn.details                ? 
# 
loop_
_chem_comp.id 
_chem_comp.type 
_chem_comp.mon_nstd_flag 
_chem_comp.name 
_chem_comp.pdbx_synonyms 
_chem_comp.formula 
_chem_comp.formula_weight 
DC  'DNA linking' y "2'-DEOXYCYTIDINE-5'-MONOPHOSPHATE"  ? 'C9 H14 N3 O7 P'  307.197 
DG  'DNA linking' y "2'-DEOXYGUANOSINE-5'-MONOPHOSPHATE" ? 'C10 H14 N5 O7 P' 347.221 
HOH non-polymer   . WATER                                ? 'H2 O'            18.015  
# 
loop_
_pdbx_poly_seq_scheme.asym_id 
_pdbx_poly_seq_scheme.entity_id 
_pdbx_poly_seq_scheme.seq_id 
_pdbx_poly_seq_scheme.mon_id 
_pdbx_poly_seq_scheme.ndb_seq_num 
_pdbx_poly_seq_scheme.pdb_seq_num 
_pdbx_poly_seq_scheme.auth_seq_num 
_pdbx_poly_seq_scheme.pdb_mon_id 
_pdbx_poly_seq_scheme.auth_mon_id 
_pdbx_poly_seq_scheme.pdb_strand_id 
_pdbx_poly_seq_scheme.pdb_ins_code 
_pdbx_poly_seq_scheme.hetero 
A 1 1  DG 1  1  1  DG G A . n 
A 1 2  DG 2  2  2  DG G A . n 
A 1 3  DC 3  3  3  DC C A . n 
A 1 4  DC 4  4  4  DC C A . n 
A 1 5  DG 5  5  5  DG G A . n 
A 1 6  DC 6  6  6  DC C A . n 
A 1 7  DG 7  7  7  DG G A . n 
A 1 8  DG 8  8  8  DG G A . n 
A 1 9  DC 9  9  9  DC C A . n 
A 1 10 DC 10 10 10 DC C A . n 
# 
loop_
_pdbx_nonpoly_scheme.asym_id 
_pdbx_nonpoly_scheme.entity_id 
_pdbx_nonpoly_scheme.mon_id 
_pdbx_nonpoly_scheme.ndb_seq_num 
_pdbx_nonpoly_scheme.pdb_seq_num 
_pdbx_nonpoly_scheme.auth_seq_num 
_pdbx_nonpoly_scheme.pdb_mon_id 
_pdbx_nonpoly_scheme.auth_mon_id 
_pdbx_nonpoly_scheme.pdb_strand_id 
_pdbx_nonpoly_scheme.pdb_ins_code 
B 2 HOH 1  101 101 HOH HOH A . 
B 2 HOH 2  102 102 HOH HOH A . 
B 2 HOH 3  103 103 HOH HOH A . 
B 2 HOH 4  104 104 HOH HOH A . 
B 2 HOH 5  105 105 HOH HOH A . 
B 2 HOH 6  106 106 HOH HOH A . 
B 2 HOH 7  107 107 HOH HOH A . 
B 2 HOH 8  108 108 HOH HOH A . 
B 2 HOH 9  109 109 HOH HOH A . 
B 2 HOH 10 110 110 HOH HOH A . 
B 2 HOH 11 111 111 HOH HOH A . 
B 2 HOH 12 112 112 HOH HOH A . 
B 2 HOH 13 113 113 HOH HOH A . 
B 2 HOH 14 114 114 HOH HOH A . 
B 2 HOH 15 115 115 HOH HOH A . 
B 2 HOH 16 116 116 HOH HOH A . 
B 2 HOH 17 117 117 HOH HOH A . 
B 2 HOH 18 118 118 HOH HOH A . 
B 2 HOH 19 119 119 HOH HOH A . 
B 2 HOH 20 120 120 HOH HOH A . 
B 2 HOH 21 121 121 HOH HOH A . 
B 2 HOH 22 122 122 HOH HOH A . 
B 2 HOH 23 123 123 HOH HOH A . 
B 2 HOH 24 124 124 HOH HOH A . 
B 2 HOH 25 125 125 HOH HOH A . 
B 2 HOH 26 126 126 HOH HOH A . 
B 2 HOH 27 127 127 HOH HOH A . 
B 2 HOH 28 128 128 HOH HOH A . 
B 2 HOH 29 129 129 HOH HOH A . 
B 2 HOH 30 130 130 HOH HOH A . 
B 2 HOH 31 131 131 HOH HOH A . 
B 2 HOH 32 132 132 HOH HOH A . 
B 2 HOH 33 133 133 HOH HOH A . 
B 2 HOH 34 134 134 HOH HOH A . 
B 2 HOH 35 135 135 HOH HOH A . 
B 2 HOH 36 136 136 HOH HOH A . 
B 2 HOH 37 137 137 HOH HOH A . 
B 2 HOH 38 138 138 HOH HOH A . 
B 2 HOH 39 139 139 HOH HOH A . 
B 2 HOH 40 140 140 HOH HOH A . 
B 2 HOH 41 141 141 HOH HOH A . 
B 2 HOH 42 142 142 HOH HOH A . 
B 2 HOH 43 143 143 HOH HOH A . 
B 2 HOH 44 144 144 HOH HOH A . 
B 2 HOH 45 145 145 HOH HOH A . 
B 2 HOH 46 146 146 HOH HOH A . 
B 2 HOH 47 147 147 HOH HOH A . 
B 2 HOH 48 148 148 HOH HOH A . 
B 2 HOH 49 149 149 HOH HOH A . 
B 2 HOH 50 150 150 HOH HOH A . 
B 2 HOH 51 151 151 HOH HOH A . 
B 2 HOH 52 152 152 HOH HOH A . 
B 2 HOH 53 153 153 HOH HOH A . 
B 2 HOH 54 154 154 HOH HOH A . 
B 2 HOH 55 155 155 HOH HOH A . 
B 2 HOH 56 156 156 HOH HOH A . 
B 2 HOH 57 157 157 HOH HOH A . 
B 2 HOH 58 158 158 HOH HOH A . 
B 2 HOH 59 159 159 HOH HOH A . 
# 
loop_
_software.name 
_software.classification 
_software.version 
_software.citation_id 
_software.pdbx_ordinal 
X-PLOR refinement       3.2 ? 1 
XENGEN 'data reduction' .   ? 2 
XENGEN 'data scaling'   .   ? 3 
# 
_cell.entry_id           396D 
_cell.length_a           39.050 
_cell.length_b           39.050 
_cell.length_c           82.150 
_cell.angle_alpha        90.00 
_cell.angle_beta         90.00 
_cell.angle_gamma        120.00 
_cell.Z_PDB              12 
_cell.pdbx_unique_axis   ? 
# 
_symmetry.entry_id                         396D 
_symmetry.space_group_name_H-M             'P 61 2 2' 
_symmetry.pdbx_full_space_group_name_H-M   ? 
_symmetry.cell_setting                     ? 
_symmetry.Int_Tables_number                178 
# 
_exptl.entry_id          396D 
_exptl.method            'X-RAY DIFFRACTION' 
_exptl.crystals_number   1 
# 
_exptl_crystal.id                    1 
_exptl_crystal.density_meas          ? 
_exptl_crystal.density_Matthews      2.97 
_exptl_crystal.density_percent_sol   58.55 
_exptl_crystal.description           ? 
# 
_exptl_crystal_grow.crystal_id      1 
_exptl_crystal_grow.method          'VAPOR DIFFUSION, HANGING DROP' 
_exptl_crystal_grow.temp            291.00 
_exptl_crystal_grow.temp_details    291 
_exptl_crystal_grow.pH              7.00 
_exptl_crystal_grow.pdbx_details    'pH 7.00, VAPOR DIFFUSION, HANGING DROP, temperature 291.00K' 
_exptl_crystal_grow.pdbx_pH_range   ? 
# 
loop_
_exptl_crystal_grow_comp.crystal_id 
_exptl_crystal_grow_comp.id 
_exptl_crystal_grow_comp.sol_id 
_exptl_crystal_grow_comp.name 
_exptl_crystal_grow_comp.volume 
_exptl_crystal_grow_comp.conc 
_exptl_crystal_grow_comp.details 
1 1 1 WATER             ? ? ? 
1 2 1 NA-CACODYLATE     ? ? ? 
1 3 1 'COBALT HEXAMINE' ? ? ? 
1 4 1 MPD               ? ? ? 
1 5 2 MPD               ? ? ? 
# 
_diffrn.id                     1 
_diffrn.crystal_id             1 
_diffrn.ambient_temp           ? 
_diffrn.ambient_temp_details   ? 
# 
_diffrn_detector.diffrn_id              1 
_diffrn_detector.detector               'AREA DETECTOR' 
_diffrn_detector.type                   SIEMENS 
_diffrn_detector.pdbx_collection_date   1995-07-23 
_diffrn_detector.details                ? 
# 
_diffrn_radiation.diffrn_id                        1 
_diffrn_radiation.wavelength_id                    1 
_diffrn_radiation.pdbx_monochromatic_or_laue_m_l   M 
_diffrn_radiation.monochromator                    ? 
_diffrn_radiation.pdbx_diffrn_protocol             ? 
_diffrn_radiation.pdbx_scattering_type             x-ray 
# 
_diffrn_radiation_wavelength.id           1 
_diffrn_radiation_wavelength.wavelength   . 
_diffrn_radiation_wavelength.wt           1.0 
# 
_diffrn_source.diffrn_id                   1 
_diffrn_source.source                      ? 
_diffrn_source.type                        ? 
_diffrn_source.pdbx_synchrotron_site       ? 
_diffrn_source.pdbx_synchrotron_beamline   ? 
_diffrn_source.pdbx_wavelength             ? 
_diffrn_source.pdbx_wavelength_list        ? 
# 
_reflns.entry_id                     396D 
_reflns.observed_criterion_sigma_I   ? 
_reflns.observed_criterion_sigma_F   1.000 
_reflns.d_resolution_low             20.000 
_reflns.d_resolution_high            1.800 
_reflns.number_obs                   2916 
_reflns.number_all                   ? 
_reflns.percent_possible_obs         96.000 
_reflns.pdbx_Rmerge_I_obs            0.0250000 
_reflns.pdbx_Rsym_value              ? 
_reflns.pdbx_netI_over_sigmaI        ? 
_reflns.B_iso_Wilson_estimate        ? 
_reflns.pdbx_redundancy              4.000 
_reflns.pdbx_diffrn_id               1 
_reflns.pdbx_ordinal                 1 
# 
_refine.entry_id                                 396D 
_refine.ls_number_reflns_obs                     2760 
_refine.ls_number_reflns_all                     ? 
_refine.pdbx_ls_sigma_I                          ? 
_refine.pdbx_ls_sigma_F                          2.000 
_refine.pdbx_data_cutoff_high_absF               ? 
_refine.pdbx_data_cutoff_low_absF                ? 
_refine.pdbx_data_cutoff_high_rms_absF           ? 
_refine.ls_d_res_low                             8.000 
_refine.ls_d_res_high                            1.800 
_refine.ls_percent_reflns_obs                    ? 
_refine.ls_R_factor_obs                          0.1890000 
_refine.ls_R_factor_all                          ? 
_refine.ls_R_factor_R_work                       0.1890000 
_refine.ls_R_factor_R_free                       ? 
_refine.ls_R_factor_R_free_error                 ? 
_refine.ls_R_factor_R_free_error_details         ? 
_refine.ls_percent_reflns_R_free                 ? 
_refine.ls_number_reflns_R_free                  ? 
_refine.ls_number_parameters                     ? 
_refine.ls_number_restraints                     ? 
_refine.occupancy_min                            ? 
_refine.occupancy_max                            ? 
_refine.B_iso_mean                               ? 
_refine.aniso_B[1][1]                            ? 
_refine.aniso_B[2][2]                            ? 
_refine.aniso_B[3][3]                            ? 
_refine.aniso_B[1][2]                            ? 
_refine.aniso_B[1][3]                            ? 
_refine.aniso_B[2][3]                            ? 
_refine.solvent_model_details                    ? 
_refine.solvent_model_param_ksol                 ? 
_refine.solvent_model_param_bsol                 ? 
_refine.pdbx_ls_cross_valid_method               ? 
_refine.details                                  ? 
_refine.pdbx_starting_model                      ? 
_refine.pdbx_method_to_determine_struct          ? 
_refine.pdbx_isotropic_thermal_model             ? 
_refine.pdbx_stereochemistry_target_values       ? 
_refine.pdbx_stereochem_target_val_spec_case     ? 
_refine.pdbx_R_Free_selection_details            ? 
_refine.pdbx_overall_ESU_R                       ? 
_refine.pdbx_overall_ESU_R_Free                  ? 
_refine.overall_SU_ML                            ? 
_refine.overall_SU_B                             ? 
_refine.pdbx_refine_id                           'X-RAY DIFFRACTION' 
_refine.pdbx_diffrn_id                           1 
_refine.pdbx_TLS_residual_ADP_flag               ? 
_refine.correlation_coeff_Fo_to_Fc               ? 
_refine.correlation_coeff_Fo_to_Fc_free          ? 
_refine.pdbx_solvent_vdw_probe_radii             ? 
_refine.pdbx_solvent_ion_probe_radii             ? 
_refine.pdbx_solvent_shrinkage_radii             ? 
_refine.pdbx_overall_phase_error                 ? 
_refine.overall_SU_R_Cruickshank_DPI             ? 
_refine.pdbx_overall_SU_R_free_Cruickshank_DPI   ? 
_refine.pdbx_overall_SU_R_Blow_DPI               ? 
_refine.pdbx_overall_SU_R_free_Blow_DPI          ? 
# 
_refine_hist.pdbx_refine_id                   'X-RAY DIFFRACTION' 
_refine_hist.cycle_id                         LAST 
_refine_hist.pdbx_number_atoms_protein        0 
_refine_hist.pdbx_number_atoms_nucleic_acid   202 
_refine_hist.pdbx_number_atoms_ligand         0 
_refine_hist.number_atoms_solvent             59 
_refine_hist.number_atoms_total               261 
_refine_hist.d_res_high                       1.800 
_refine_hist.d_res_low                        8.000 
# 
loop_
_refine_ls_restr.type 
_refine_ls_restr.dev_ideal 
_refine_ls_restr.dev_ideal_target 
_refine_ls_restr.weight 
_refine_ls_restr.number 
_refine_ls_restr.pdbx_refine_id 
_refine_ls_restr.pdbx_restraint_function 
x_bond_d                0.013 ? ? ? 'X-RAY DIFFRACTION' ? 
x_bond_d_na             ?     ? ? ? 'X-RAY DIFFRACTION' ? 
x_bond_d_prot           ?     ? ? ? 'X-RAY DIFFRACTION' ? 
x_angle_d               ?     ? ? ? 'X-RAY DIFFRACTION' ? 
x_angle_d_na            ?     ? ? ? 'X-RAY DIFFRACTION' ? 
x_angle_d_prot          ?     ? ? ? 'X-RAY DIFFRACTION' ? 
x_angle_deg             3.60  ? ? ? 'X-RAY DIFFRACTION' ? 
x_angle_deg_na          ?     ? ? ? 'X-RAY DIFFRACTION' ? 
x_angle_deg_prot        ?     ? ? ? 'X-RAY DIFFRACTION' ? 
x_dihedral_angle_d      ?     ? ? ? 'X-RAY DIFFRACTION' ? 
x_dihedral_angle_d_na   ?     ? ? ? 'X-RAY DIFFRACTION' ? 
x_dihedral_angle_d_prot ?     ? ? ? 'X-RAY DIFFRACTION' ? 
x_improper_angle_d      ?     ? ? ? 'X-RAY DIFFRACTION' ? 
x_improper_angle_d_na   ?     ? ? ? 'X-RAY DIFFRACTION' ? 
x_improper_angle_d_prot ?     ? ? ? 'X-RAY DIFFRACTION' ? 
x_mcbond_it             ?     ? ? ? 'X-RAY DIFFRACTION' ? 
x_mcangle_it            ?     ? ? ? 'X-RAY DIFFRACTION' ? 
x_scbond_it             ?     ? ? ? 'X-RAY DIFFRACTION' ? 
x_scangle_it            ?     ? ? ? 'X-RAY DIFFRACTION' ? 
# 
_pdbx_xplor_file.serial_no        1 
_pdbx_xplor_file.param_file       PARAM11.DNA 
_pdbx_xplor_file.topol_file       ? 
_pdbx_xplor_file.pdbx_refine_id   'X-RAY DIFFRACTION' 
# 
_struct.entry_id                  396D 
_struct.title                     'CRYSTAL STRUCTURES OF TWO ISOMOPHOUS A-DNA DECAMERS D(GTACGCGTAC) AND D(GGCCGCGGCC)' 
_struct.pdbx_model_details        ? 
_struct.pdbx_CASP_flag            ? 
_struct.pdbx_model_type_details   ? 
# 
_struct_keywords.entry_id        396D 
_struct_keywords.pdbx_keywords   DNA 
_struct_keywords.text            'A-DNA, DOUBLE HELIX, DNA' 
# 
loop_
_struct_asym.id 
_struct_asym.pdbx_blank_PDB_chainid_flag 
_struct_asym.pdbx_modified 
_struct_asym.entity_id 
_struct_asym.details 
A N N 1 ? 
B N N 2 ? 
# 
_struct_ref.id                         1 
_struct_ref.entity_id                  1 
_struct_ref.db_name                    PDB 
_struct_ref.db_code                    396D 
_struct_ref.pdbx_db_accession          396D 
_struct_ref.pdbx_db_isoform            ? 
_struct_ref.pdbx_seq_one_letter_code   ? 
_struct_ref.pdbx_align_begin           ? 
# 
_struct_ref_seq.align_id                      1 
_struct_ref_seq.ref_id                        1 
_struct_ref_seq.pdbx_PDB_id_code              396D 
_struct_ref_seq.pdbx_strand_id                A 
_struct_ref_seq.seq_align_beg                 1 
_struct_ref_seq.pdbx_seq_align_beg_ins_code   ? 
_struct_ref_seq.seq_align_end                 10 
_struct_ref_seq.pdbx_seq_align_end_ins_code   ? 
_struct_ref_seq.pdbx_db_accession             396D 
_struct_ref_seq.db_align_beg                  1 
_struct_ref_seq.pdbx_db_align_beg_ins_code    ? 
_struct_ref_seq.db_align_end                  10 
_struct_ref_seq.pdbx_db_align_end_ins_code    ? 
_struct_ref_seq.pdbx_auth_seq_align_beg       1 
_struct_ref_seq.pdbx_auth_seq_align_end       10 
# 
_pdbx_struct_assembly.id                   1 
_pdbx_struct_assembly.details              author_defined_assembly 
_pdbx_struct_assembly.method_details       ? 
_pdbx_struct_assembly.oligomeric_details   dimeric 
_pdbx_struct_assembly.oligomeric_count     2 
# 
_pdbx_struct_assembly_gen.assembly_id       1 
_pdbx_struct_assembly_gen.oper_expression   1,2 
_pdbx_struct_assembly_gen.asym_id_list      A,B 
# 
loop_
_pdbx_struct_oper_list.id 
_pdbx_struct_oper_list.type 
_pdbx_struct_oper_list.name 
_pdbx_struct_oper_list.symmetry_operation 
_pdbx_struct_oper_list.matrix[1][1] 
_pdbx_struct_oper_list.matrix[1][2] 
_pdbx_struct_oper_list.matrix[1][3] 
_pdbx_struct_oper_list.vector[1] 
_pdbx_struct_oper_list.matrix[2][1] 
_pdbx_struct_oper_list.matrix[2][2] 
_pdbx_struct_oper_list.matrix[2][3] 
_pdbx_struct_oper_list.vector[2] 
_pdbx_struct_oper_list.matrix[3][1] 
_pdbx_struct_oper_list.matrix[3][2] 
_pdbx_struct_oper_list.matrix[3][3] 
_pdbx_struct_oper_list.vector[3] 
1 'identity operation'         1_555  x,y,z         1.0000000000  0.0000000000  0.0000000000  0.0000000000 0.0000000000  1.0000000000  0.0000000000 0.0000000000 0.0000000000  0.0000000000 1.0000000000 0.0000000000 
2 'crystal symmetry operation' 11_555 -x+y,y,-z+1/2 -0.7989123445 -0.1650777153 -0.5783497330 4.3585743153 -0.1650777153 -0.8644837147 0.4747812706 1.4483761592 -0.5783497330 0.4747812706 0.6633960592 1.1020336427 
# 
loop_
_struct_conn.id 
_struct_conn.conn_type_id 
_struct_conn.pdbx_leaving_atom_flag 
_struct_conn.pdbx_PDB_id 
_struct_conn.ptnr1_label_asym_id 
_struct_conn.ptnr1_label_comp_id 
_struct_conn.ptnr1_label_seq_id 
_struct_conn.ptnr1_label_atom_id 
_struct_conn.pdbx_ptnr1_label_alt_id 
_struct_conn.pdbx_ptnr1_PDB_ins_code 
_struct_conn.pdbx_ptnr1_standard_comp_id 
_struct_conn.ptnr1_symmetry 
_struct_conn.ptnr2_label_asym_id 
_struct_conn.ptnr2_label_comp_id 
_struct_conn.ptnr2_label_seq_id 
_struct_conn.ptnr2_label_atom_id 
_struct_conn.pdbx_ptnr2_label_alt_id 
_struct_conn.pdbx_ptnr2_PDB_ins_code 
_struct_conn.ptnr1_auth_asym_id 
_struct_conn.ptnr1_auth_comp_id 
_struct_conn.ptnr1_auth_seq_id 
_struct_conn.ptnr2_auth_asym_id 
_struct_conn.ptnr2_auth_comp_id 
_struct_conn.ptnr2_auth_seq_id 
_struct_conn.ptnr2_symmetry 
_struct_conn.pdbx_ptnr3_label_atom_id 
_struct_conn.pdbx_ptnr3_label_seq_id 
_struct_conn.pdbx_ptnr3_label_comp_id 
_struct_conn.pdbx_ptnr3_label_asym_id 
_struct_conn.pdbx_ptnr3_label_alt_id 
_struct_conn.pdbx_ptnr3_PDB_ins_code 
_struct_conn.details 
_struct_conn.pdbx_dist_value 
_struct_conn.pdbx_value_order 
_struct_conn.pdbx_role 
hydrog1  hydrog ? ? A DG 1  N1 ? ? ? 1_555 A DC 10 N3 ? ? A DG 1  A DC 10 11_555 ? ? ? ? ? ? WATSON-CRICK ? ? ? 
hydrog2  hydrog ? ? A DG 1  N2 ? ? ? 1_555 A DC 10 O2 ? ? A DG 1  A DC 10 11_555 ? ? ? ? ? ? WATSON-CRICK ? ? ? 
hydrog3  hydrog ? ? A DG 1  O6 ? ? ? 1_555 A DC 10 N4 ? ? A DG 1  A DC 10 11_555 ? ? ? ? ? ? WATSON-CRICK ? ? ? 
hydrog4  hydrog ? ? A DG 2  N1 ? ? ? 1_555 A DC 9  N3 ? ? A DG 2  A DC 9  11_555 ? ? ? ? ? ? WATSON-CRICK ? ? ? 
hydrog5  hydrog ? ? A DG 2  N2 ? ? ? 1_555 A DC 9  O2 ? ? A DG 2  A DC 9  11_555 ? ? ? ? ? ? WATSON-CRICK ? ? ? 
hydrog6  hydrog ? ? A DG 2  O6 ? ? ? 1_555 A DC 9  N4 ? ? A DG 2  A DC 9  11_555 ? ? ? ? ? ? WATSON-CRICK ? ? ? 
hydrog7  hydrog ? ? A DC 3  N3 ? ? ? 1_555 A DG 8  N1 ? ? A DC 3  A DG 8  11_555 ? ? ? ? ? ? WATSON-CRICK ? ? ? 
hydrog8  hydrog ? ? A DC 3  N4 ? ? ? 1_555 A DG 8  O6 ? ? A DC 3  A DG 8  11_555 ? ? ? ? ? ? WATSON-CRICK ? ? ? 
hydrog9  hydrog ? ? A DC 3  O2 ? ? ? 1_555 A DG 8  N2 ? ? A DC 3  A DG 8  11_555 ? ? ? ? ? ? WATSON-CRICK ? ? ? 
hydrog10 hydrog ? ? A DC 4  N3 ? ? ? 1_555 A DG 7  N1 ? ? A DC 4  A DG 7  11_555 ? ? ? ? ? ? WATSON-CRICK ? ? ? 
hydrog11 hydrog ? ? A DC 4  N4 ? ? ? 1_555 A DG 7  O6 ? ? A DC 4  A DG 7  11_555 ? ? ? ? ? ? WATSON-CRICK ? ? ? 
hydrog12 hydrog ? ? A DC 4  O2 ? ? ? 1_555 A DG 7  N2 ? ? A DC 4  A DG 7  11_555 ? ? ? ? ? ? WATSON-CRICK ? ? ? 
hydrog13 hydrog ? ? A DG 5  N1 ? ? ? 1_555 A DC 6  N3 ? ? A DG 5  A DC 6  11_555 ? ? ? ? ? ? WATSON-CRICK ? ? ? 
hydrog14 hydrog ? ? A DG 5  N2 ? ? ? 1_555 A DC 6  O2 ? ? A DG 5  A DC 6  11_555 ? ? ? ? ? ? WATSON-CRICK ? ? ? 
hydrog15 hydrog ? ? A DG 5  O6 ? ? ? 1_555 A DC 6  N4 ? ? A DG 5  A DC 6  11_555 ? ? ? ? ? ? WATSON-CRICK ? ? ? 
hydrog16 hydrog ? ? A DC 6  N3 ? ? ? 1_555 A DG 5  N1 ? ? A DC 6  A DG 5  11_555 ? ? ? ? ? ? WATSON-CRICK ? ? ? 
hydrog17 hydrog ? ? A DC 6  N4 ? ? ? 1_555 A DG 5  O6 ? ? A DC 6  A DG 5  11_555 ? ? ? ? ? ? WATSON-CRICK ? ? ? 
hydrog18 hydrog ? ? A DC 6  O2 ? ? ? 1_555 A DG 5  N2 ? ? A DC 6  A DG 5  11_555 ? ? ? ? ? ? WATSON-CRICK ? ? ? 
hydrog19 hydrog ? ? A DG 7  N1 ? ? ? 1_555 A DC 4  N3 ? ? A DG 7  A DC 4  11_555 ? ? ? ? ? ? WATSON-CRICK ? ? ? 
hydrog20 hydrog ? ? A DG 7  N2 ? ? ? 1_555 A DC 4  O2 ? ? A DG 7  A DC 4  11_555 ? ? ? ? ? ? WATSON-CRICK ? ? ? 
hydrog21 hydrog ? ? A DG 7  O6 ? ? ? 1_555 A DC 4  N4 ? ? A DG 7  A DC 4  11_555 ? ? ? ? ? ? WATSON-CRICK ? ? ? 
hydrog22 hydrog ? ? A DG 8  N1 ? ? ? 1_555 A DC 3  N3 ? ? A DG 8  A DC 3  11_555 ? ? ? ? ? ? WATSON-CRICK ? ? ? 
hydrog23 hydrog ? ? A DG 8  N2 ? ? ? 1_555 A DC 3  O2 ? ? A DG 8  A DC 3  11_555 ? ? ? ? ? ? WATSON-CRICK ? ? ? 
hydrog24 hydrog ? ? A DG 8  O6 ? ? ? 1_555 A DC 3  N4 ? ? A DG 8  A DC 3  11_555 ? ? ? ? ? ? WATSON-CRICK ? ? ? 
hydrog25 hydrog ? ? A DC 9  N3 ? ? ? 1_555 A DG 2  N1 ? ? A DC 9  A DG 2  11_555 ? ? ? ? ? ? WATSON-CRICK ? ? ? 
hydrog26 hydrog ? ? A DC 9  N4 ? ? ? 1_555 A DG 2  O6 ? ? A DC 9  A DG 2  11_555 ? ? ? ? ? ? WATSON-CRICK ? ? ? 
hydrog27 hydrog ? ? A DC 9  O2 ? ? ? 1_555 A DG 2  N2 ? ? A DC 9  A DG 2  11_555 ? ? ? ? ? ? WATSON-CRICK ? ? ? 
hydrog28 hydrog ? ? A DC 10 N3 ? ? ? 1_555 A DG 1  N1 ? ? A DC 10 A DG 1  11_555 ? ? ? ? ? ? WATSON-CRICK ? ? ? 
hydrog29 hydrog ? ? A DC 10 N4 ? ? ? 1_555 A DG 1  O6 ? ? A DC 10 A DG 1  11_555 ? ? ? ? ? ? WATSON-CRICK ? ? ? 
hydrog30 hydrog ? ? A DC 10 O2 ? ? ? 1_555 A DG 1  N2 ? ? A DC 10 A DG 1  11_555 ? ? ? ? ? ? WATSON-CRICK ? ? ? 
# 
_struct_conn_type.id          hydrog 
_struct_conn_type.criteria    ? 
_struct_conn_type.reference   ? 
# 
loop_
_pdbx_validate_rmsd_angle.id 
_pdbx_validate_rmsd_angle.PDB_model_num 
_pdbx_validate_rmsd_angle.auth_atom_id_1 
_pdbx_validate_rmsd_angle.auth_asym_id_1 
_pdbx_validate_rmsd_angle.auth_comp_id_1 
_pdbx_validate_rmsd_angle.auth_seq_id_1 
_pdbx_validate_rmsd_angle.PDB_ins_code_1 
_pdbx_validate_rmsd_angle.label_alt_id_1 
_pdbx_validate_rmsd_angle.auth_atom_id_2 
_pdbx_validate_rmsd_angle.auth_asym_id_2 
_pdbx_validate_rmsd_angle.auth_comp_id_2 
_pdbx_validate_rmsd_angle.auth_seq_id_2 
_pdbx_validate_rmsd_angle.PDB_ins_code_2 
_pdbx_validate_rmsd_angle.label_alt_id_2 
_pdbx_validate_rmsd_angle.auth_atom_id_3 
_pdbx_validate_rmsd_angle.auth_asym_id_3 
_pdbx_validate_rmsd_angle.auth_comp_id_3 
_pdbx_validate_rmsd_angle.auth_seq_id_3 
_pdbx_validate_rmsd_angle.PDB_ins_code_3 
_pdbx_validate_rmsd_angle.label_alt_id_3 
_pdbx_validate_rmsd_angle.angle_value 
_pdbx_validate_rmsd_angle.angle_target_value 
_pdbx_validate_rmsd_angle.angle_deviation 
_pdbx_validate_rmsd_angle.angle_standard_deviation 
_pdbx_validate_rmsd_angle.linker_flag 
1  1 "C4'" A DG 1  ? ? "C3'" A DG 1  ? ? "C2'" A DG 1  ? ? 97.78  102.20 -4.42  0.70 N 
2  1 "O3'" A DG 2  ? ? P     A DC 3  ? ? "O5'" A DC 3  ? ? 115.51 104.00 11.51  1.90 Y 
3  1 "C4'" A DC 3  ? ? "C3'" A DC 3  ? ? "C2'" A DC 3  ? ? 97.21  102.20 -4.99  0.70 N 
4  1 "O4'" A DC 3  ? ? "C1'" A DC 3  ? ? N1    A DC 3  ? ? 111.98 108.30 3.68   0.30 N 
5  1 N1    A DC 3  ? ? C2    A DC 3  ? ? O2    A DC 3  ? ? 123.07 118.90 4.17   0.60 N 
6  1 "C4'" A DC 4  ? ? "C3'" A DC 4  ? ? "C2'" A DC 4  ? ? 96.07  102.20 -6.13  0.70 N 
7  1 "O4'" A DC 4  ? ? "C1'" A DC 4  ? ? N1    A DC 4  ? ? 111.71 108.30 3.41   0.30 N 
8  1 "O3'" A DC 4  ? ? P     A DG 5  ? ? "O5'" A DG 5  ? ? 92.37  104.00 -11.63 1.90 Y 
9  1 "O3'" A DC 4  ? ? P     A DG 5  ? ? OP2   A DG 5  ? ? 147.93 110.50 37.43  1.10 Y 
10 1 "O3'" A DC 4  ? ? P     A DG 5  ? ? OP1   A DG 5  ? ? 77.67  105.20 -27.53 2.20 Y 
11 1 "O4'" A DG 5  ? ? "C1'" A DG 5  ? ? N9    A DG 5  ? ? 111.78 108.30 3.48   0.30 N 
12 1 "O4'" A DC 6  ? ? "C4'" A DC 6  ? ? "C3'" A DC 6  ? ? 101.77 104.50 -2.73  0.40 N 
13 1 "O4'" A DC 6  ? ? "C1'" A DC 6  ? ? N1    A DC 6  ? ? 113.39 108.30 5.09   0.30 N 
14 1 "O3'" A DC 6  ? ? P     A DG 7  ? ? OP2   A DG 7  ? ? 117.82 110.50 7.32   1.10 Y 
15 1 "O3'" A DC 6  ? ? P     A DG 7  ? ? OP1   A DG 7  ? ? 90.43  105.20 -14.77 2.20 Y 
16 1 "O5'" A DG 8  ? ? "C5'" A DG 8  ? ? "C4'" A DG 8  ? ? 103.68 109.40 -5.72  0.80 N 
17 1 "O4'" A DC 9  ? ? "C1'" A DC 9  ? ? N1    A DC 9  ? ? 113.08 108.30 4.78   0.30 N 
18 1 "O3'" A DC 9  ? ? P     A DC 10 ? ? OP2   A DC 10 ? ? 124.94 110.50 14.44  1.10 Y 
19 1 "C4'" A DC 10 ? ? "C3'" A DC 10 ? ? "C2'" A DC 10 ? ? 97.40  102.20 -4.80  0.70 N 
20 1 "O4'" A DC 10 ? ? "C1'" A DC 10 ? ? N1    A DC 10 ? ? 113.05 108.30 4.75   0.30 N 
21 1 N1    A DC 10 ? ? C2    A DC 10 ? ? O2    A DC 10 ? ? 122.78 118.90 3.88   0.60 N 
# 
loop_
_pdbx_validate_planes.id 
_pdbx_validate_planes.PDB_model_num 
_pdbx_validate_planes.auth_comp_id 
_pdbx_validate_planes.auth_asym_id 
_pdbx_validate_planes.auth_seq_id 
_pdbx_validate_planes.PDB_ins_code 
_pdbx_validate_planes.label_alt_id 
_pdbx_validate_planes.rmsd 
_pdbx_validate_planes.type 
1 1 DG A 1 ? ? 0.094 'SIDE CHAIN' 
2 1 DG A 2 ? ? 0.057 'SIDE CHAIN' 
3 1 DG A 5 ? ? 0.079 'SIDE CHAIN' 
4 1 DG A 8 ? ? 0.064 'SIDE CHAIN' 
5 1 DC A 9 ? ? 0.112 'SIDE CHAIN' 
# 
loop_
_chem_comp_atom.comp_id 
_chem_comp_atom.atom_id 
_chem_comp_atom.type_symbol 
_chem_comp_atom.pdbx_aromatic_flag 
_chem_comp_atom.pdbx_stereo_config 
_chem_comp_atom.pdbx_ordinal 
DC  OP3    O N N 1  
DC  P      P N N 2  
DC  OP1    O N N 3  
DC  OP2    O N N 4  
DC  "O5'"  O N N 5  
DC  "C5'"  C N N 6  
DC  "C4'"  C N R 7  
DC  "O4'"  O N N 8  
DC  "C3'"  C N S 9  
DC  "O3'"  O N N 10 
DC  "C2'"  C N N 11 
DC  "C1'"  C N R 12 
DC  N1     N N N 13 
DC  C2     C N N 14 
DC  O2     O N N 15 
DC  N3     N N N 16 
DC  C4     C N N 17 
DC  N4     N N N 18 
DC  C5     C N N 19 
DC  C6     C N N 20 
DC  HOP3   H N N 21 
DC  HOP2   H N N 22 
DC  "H5'"  H N N 23 
DC  "H5''" H N N 24 
DC  "H4'"  H N N 25 
DC  "H3'"  H N N 26 
DC  "HO3'" H N N 27 
DC  "H2'"  H N N 28 
DC  "H2''" H N N 29 
DC  "H1'"  H N N 30 
DC  H41    H N N 31 
DC  H42    H N N 32 
DC  H5     H N N 33 
DC  H6     H N N 34 
DG  OP3    O N N 35 
DG  P      P N N 36 
DG  OP1    O N N 37 
DG  OP2    O N N 38 
DG  "O5'"  O N N 39 
DG  "C5'"  C N N 40 
DG  "C4'"  C N R 41 
DG  "O4'"  O N N 42 
DG  "C3'"  C N S 43 
DG  "O3'"  O N N 44 
DG  "C2'"  C N N 45 
DG  "C1'"  C N R 46 
DG  N9     N Y N 47 
DG  C8     C Y N 48 
DG  N7     N Y N 49 
DG  C5     C Y N 50 
DG  C6     C N N 51 
DG  O6     O N N 52 
DG  N1     N N N 53 
DG  C2     C N N 54 
DG  N2     N N N 55 
DG  N3     N N N 56 
DG  C4     C Y N 57 
DG  HOP3   H N N 58 
DG  HOP2   H N N 59 
DG  "H5'"  H N N 60 
DG  "H5''" H N N 61 
DG  "H4'"  H N N 62 
DG  "H3'"  H N N 63 
DG  "HO3'" H N N 64 
DG  "H2'"  H N N 65 
DG  "H2''" H N N 66 
DG  "H1'"  H N N 67 
DG  H8     H N N 68 
DG  H1     H N N 69 
DG  H21    H N N 70 
DG  H22    H N N 71 
HOH O      O N N 72 
HOH H1     H N N 73 
HOH H2     H N N 74 
# 
loop_
_chem_comp_bond.comp_id 
_chem_comp_bond.atom_id_1 
_chem_comp_bond.atom_id_2 
_chem_comp_bond.value_order 
_chem_comp_bond.pdbx_aromatic_flag 
_chem_comp_bond.pdbx_stereo_config 
_chem_comp_bond.pdbx_ordinal 
DC  OP3   P      sing N N 1  
DC  OP3   HOP3   sing N N 2  
DC  P     OP1    doub N N 3  
DC  P     OP2    sing N N 4  
DC  P     "O5'"  sing N N 5  
DC  OP2   HOP2   sing N N 6  
DC  "O5'" "C5'"  sing N N 7  
DC  "C5'" "C4'"  sing N N 8  
DC  "C5'" "H5'"  sing N N 9  
DC  "C5'" "H5''" sing N N 10 
DC  "C4'" "O4'"  sing N N 11 
DC  "C4'" "C3'"  sing N N 12 
DC  "C4'" "H4'"  sing N N 13 
DC  "O4'" "C1'"  sing N N 14 
DC  "C3'" "O3'"  sing N N 15 
DC  "C3'" "C2'"  sing N N 16 
DC  "C3'" "H3'"  sing N N 17 
DC  "O3'" "HO3'" sing N N 18 
DC  "C2'" "C1'"  sing N N 19 
DC  "C2'" "H2'"  sing N N 20 
DC  "C2'" "H2''" sing N N 21 
DC  "C1'" N1     sing N N 22 
DC  "C1'" "H1'"  sing N N 23 
DC  N1    C2     sing N N 24 
DC  N1    C6     sing N N 25 
DC  C2    O2     doub N N 26 
DC  C2    N3     sing N N 27 
DC  N3    C4     doub N N 28 
DC  C4    N4     sing N N 29 
DC  C4    C5     sing N N 30 
DC  N4    H41    sing N N 31 
DC  N4    H42    sing N N 32 
DC  C5    C6     doub N N 33 
DC  C5    H5     sing N N 34 
DC  C6    H6     sing N N 35 
DG  OP3   P      sing N N 36 
DG  OP3   HOP3   sing N N 37 
DG  P     OP1    doub N N 38 
DG  P     OP2    sing N N 39 
DG  P     "O5'"  sing N N 40 
DG  OP2   HOP2   sing N N 41 
DG  "O5'" "C5'"  sing N N 42 
DG  "C5'" "C4'"  sing N N 43 
DG  "C5'" "H5'"  sing N N 44 
DG  "C5'" "H5''" sing N N 45 
DG  "C4'" "O4'"  sing N N 46 
DG  "C4'" "C3'"  sing N N 47 
DG  "C4'" "H4'"  sing N N 48 
DG  "O4'" "C1'"  sing N N 49 
DG  "C3'" "O3'"  sing N N 50 
DG  "C3'" "C2'"  sing N N 51 
DG  "C3'" "H3'"  sing N N 52 
DG  "O3'" "HO3'" sing N N 53 
DG  "C2'" "C1'"  sing N N 54 
DG  "C2'" "H2'"  sing N N 55 
DG  "C2'" "H2''" sing N N 56 
DG  "C1'" N9     sing N N 57 
DG  "C1'" "H1'"  sing N N 58 
DG  N9    C8     sing Y N 59 
DG  N9    C4     sing Y N 60 
DG  C8    N7     doub Y N 61 
DG  C8    H8     sing N N 62 
DG  N7    C5     sing Y N 63 
DG  C5    C6     sing N N 64 
DG  C5    C4     doub Y N 65 
DG  C6    O6     doub N N 66 
DG  C6    N1     sing N N 67 
DG  N1    C2     sing N N 68 
DG  N1    H1     sing N N 69 
DG  C2    N2     sing N N 70 
DG  C2    N3     doub N N 71 
DG  N2    H21    sing N N 72 
DG  N2    H22    sing N N 73 
DG  N3    C4     sing N N 74 
HOH O     H1     sing N N 75 
HOH O     H2     sing N N 76 
# 
_ndb_struct_conf_na.entry_id   396D 
_ndb_struct_conf_na.feature    'a-form double helix' 
# 
loop_
_ndb_struct_na_base_pair.model_number 
_ndb_struct_na_base_pair.i_label_asym_id 
_ndb_struct_na_base_pair.i_label_comp_id 
_ndb_struct_na_base_pair.i_label_seq_id 
_ndb_struct_na_base_pair.i_symmetry 
_ndb_struct_na_base_pair.j_label_asym_id 
_ndb_struct_na_base_pair.j_label_comp_id 
_ndb_struct_na_base_pair.j_label_seq_id 
_ndb_struct_na_base_pair.j_symmetry 
_ndb_struct_na_base_pair.shear 
_ndb_struct_na_base_pair.stretch 
_ndb_struct_na_base_pair.stagger 
_ndb_struct_na_base_pair.buckle 
_ndb_struct_na_base_pair.propeller 
_ndb_struct_na_base_pair.opening 
_ndb_struct_na_base_pair.pair_number 
_ndb_struct_na_base_pair.pair_name 
_ndb_struct_na_base_pair.i_auth_asym_id 
_ndb_struct_na_base_pair.i_auth_seq_id 
_ndb_struct_na_base_pair.i_PDB_ins_code 
_ndb_struct_na_base_pair.j_auth_asym_id 
_ndb_struct_na_base_pair.j_auth_seq_id 
_ndb_struct_na_base_pair.j_PDB_ins_code 
_ndb_struct_na_base_pair.hbond_type_28 
_ndb_struct_na_base_pair.hbond_type_12 
1 A DG 1  1_555 A DC 10 11_555 -0.610 -0.322 -0.113 -3.124  -1.793  -2.389 1  A_DG1:DC10_A A 1  ? A 10 ? 19 1 
1 A DG 2  1_555 A DC 9  11_555 -0.272 -0.240 -0.007 4.564   -8.635  0.658  2  A_DG2:DC9_A  A 2  ? A 9  ? 19 1 
1 A DC 3  1_555 A DG 8  11_555 0.119  -0.265 -0.111 11.081  -6.174  -0.590 3  A_DC3:DG8_A  A 3  ? A 8  ? 19 1 
1 A DC 4  1_555 A DG 7  11_555 0.101  -0.158 -0.113 9.759   -8.881  3.327  4  A_DC4:DG7_A  A 4  ? A 7  ? 19 1 
1 A DG 5  1_555 A DC 6  11_555 -0.273 -0.365 -0.208 1.424   -12.914 -3.484 5  A_DG5:DC6_A  A 5  ? A 6  ? 19 1 
1 A DC 6  1_555 A DG 5  11_555 0.273  -0.365 -0.208 -1.424  -12.914 -3.484 6  A_DC6:DG5_A  A 6  ? A 5  ? 19 1 
1 A DG 7  1_555 A DC 4  11_555 -0.101 -0.158 -0.113 -9.759  -8.881  3.327  7  A_DG7:DC4_A  A 7  ? A 4  ? 19 1 
1 A DG 8  1_555 A DC 3  11_555 -0.119 -0.265 -0.111 -11.081 -6.174  -0.590 8  A_DG8:DC3_A  A 8  ? A 3  ? 19 1 
1 A DC 9  1_555 A DG 2  11_555 0.272  -0.240 -0.007 -4.564  -8.635  0.658  9  A_DC9:DG2_A  A 9  ? A 2  ? 19 1 
1 A DC 10 1_555 A DG 1  11_555 0.610  -0.322 -0.113 3.124   -1.793  -2.389 10 A_DC10:DG1_A A 10 ? A 1  ? 19 1 
# 
loop_
_ndb_struct_na_base_pair_step.model_number 
_ndb_struct_na_base_pair_step.i_label_asym_id_1 
_ndb_struct_na_base_pair_step.i_label_comp_id_1 
_ndb_struct_na_base_pair_step.i_label_seq_id_1 
_ndb_struct_na_base_pair_step.i_symmetry_1 
_ndb_struct_na_base_pair_step.j_label_asym_id_1 
_ndb_struct_na_base_pair_step.j_label_comp_id_1 
_ndb_struct_na_base_pair_step.j_label_seq_id_1 
_ndb_struct_na_base_pair_step.j_symmetry_1 
_ndb_struct_na_base_pair_step.i_label_asym_id_2 
_ndb_struct_na_base_pair_step.i_label_comp_id_2 
_ndb_struct_na_base_pair_step.i_label_seq_id_2 
_ndb_struct_na_base_pair_step.i_symmetry_2 
_ndb_struct_na_base_pair_step.j_label_asym_id_2 
_ndb_struct_na_base_pair_step.j_label_comp_id_2 
_ndb_struct_na_base_pair_step.j_label_seq_id_2 
_ndb_struct_na_base_pair_step.j_symmetry_2 
_ndb_struct_na_base_pair_step.shift 
_ndb_struct_na_base_pair_step.slide 
_ndb_struct_na_base_pair_step.rise 
_ndb_struct_na_base_pair_step.tilt 
_ndb_struct_na_base_pair_step.roll 
_ndb_struct_na_base_pair_step.twist 
_ndb_struct_na_base_pair_step.x_displacement 
_ndb_struct_na_base_pair_step.y_displacement 
_ndb_struct_na_base_pair_step.helical_rise 
_ndb_struct_na_base_pair_step.inclination 
_ndb_struct_na_base_pair_step.tip 
_ndb_struct_na_base_pair_step.helical_twist 
_ndb_struct_na_base_pair_step.step_number 
_ndb_struct_na_base_pair_step.step_name 
_ndb_struct_na_base_pair_step.i_auth_asym_id_1 
_ndb_struct_na_base_pair_step.i_auth_seq_id_1 
_ndb_struct_na_base_pair_step.i_PDB_ins_code_1 
_ndb_struct_na_base_pair_step.j_auth_asym_id_1 
_ndb_struct_na_base_pair_step.j_auth_seq_id_1 
_ndb_struct_na_base_pair_step.j_PDB_ins_code_1 
_ndb_struct_na_base_pair_step.i_auth_asym_id_2 
_ndb_struct_na_base_pair_step.i_auth_seq_id_2 
_ndb_struct_na_base_pair_step.i_PDB_ins_code_2 
_ndb_struct_na_base_pair_step.j_auth_asym_id_2 
_ndb_struct_na_base_pair_step.j_auth_seq_id_2 
_ndb_struct_na_base_pair_step.j_PDB_ins_code_2 
1 A DG 1 1_555 A DC 10 11_555 A DG 2  1_555 A DC 9 11_555 -0.116 -0.762 3.161 -2.267 7.732  33.812 -2.392 -0.132 2.922 13.064 
3.830  34.732 1 AA_DG1DG2:DC9DC10_AA A 1 ? A 10 ? A 2  ? A 9 ? 
1 A DG 2 1_555 A DC 9  11_555 A DC 3  1_555 A DG 8 11_555 0.346  -1.201 3.275 -0.099 4.162  33.213 -2.757 -0.617 3.105 7.245  
0.173  33.466 2 AA_DG2DC3:DG8DC9_AA  A 2 ? A 9  ? A 3  ? A 8 ? 
1 A DC 3 1_555 A DG 8  11_555 A DC 4  1_555 A DG 7 11_555 -0.368 -1.861 3.465 -2.667 8.426  26.224 -5.898 0.136  2.767 17.934 
5.677  27.649 3 AA_DC3DC4:DG7DG8_AA  A 3 ? A 8  ? A 4  ? A 7 ? 
1 A DC 4 1_555 A DG 7  11_555 A DG 5  1_555 A DC 6 11_555 -0.865 -1.501 3.411 -3.495 12.259 32.817 -4.278 0.922  2.766 20.749 
5.916  35.143 4 AA_DC4DG5:DC6DG7_AA  A 4 ? A 7  ? A 5  ? A 6 ? 
1 A DG 5 1_555 A DC 6  11_555 A DC 6  1_555 A DG 5 11_555 0.000  -1.456 3.374 0.000  6.548  36.710 -3.141 0.000  3.078 10.296 
0.000  37.270 5 AA_DG5DC6:DG5DC6_AA  A 5 ? A 6  ? A 6  ? A 5 ? 
1 A DC 6 1_555 A DG 5  11_555 A DG 7  1_555 A DC 4 11_555 0.865  -1.501 3.411 3.495  12.259 32.817 -4.278 -0.922 2.766 20.749 
-5.916 35.143 6 AA_DC6DG7:DC4DG5_AA  A 6 ? A 5  ? A 7  ? A 4 ? 
1 A DG 7 1_555 A DC 4  11_555 A DG 8  1_555 A DC 3 11_555 0.368  -1.861 3.465 2.667  8.426  26.224 -5.898 -0.136 2.767 17.934 
-5.677 27.649 7 AA_DG7DG8:DC3DC4_AA  A 7 ? A 4  ? A 8  ? A 3 ? 
1 A DG 8 1_555 A DC 3  11_555 A DC 9  1_555 A DG 2 11_555 -0.346 -1.201 3.275 0.099  4.162  33.213 -2.757 0.617  3.105 7.245  
-0.173 33.466 8 AA_DG8DC9:DG2DC3_AA  A 8 ? A 3  ? A 9  ? A 2 ? 
1 A DC 9 1_555 A DG 2  11_555 A DC 10 1_555 A DG 1 11_555 0.116  -0.762 3.161 2.267  7.732  33.812 -2.392 0.132  2.922 13.064 
-3.830 34.732 9 AA_DC9DC10:DG1DG2_AA A 9 ? A 2  ? A 10 ? A 1 ? 
# 
_atom_sites.entry_id                    396D 
_atom_sites.fract_transf_matrix[1][1]   -0.02313449 
_atom_sites.fract_transf_matrix[1][2]   -0.01386173 
_atom_sites.fract_transf_matrix[1][3]   0.01212493 
_atom_sites.fract_transf_matrix[2][1]   -0.00937625 
_atom_sites.fract_transf_matrix[2][2]   0.00769719 
_atom_sites.fract_transf_matrix[2][3]   0.02696709 
_atom_sites.fract_transf_matrix[3][1]   -0.00750959 
_atom_sites.fract_transf_matrix[3][2]   0.00820157 
_atom_sites.fract_transf_matrix[3][3]   -0.00495199 
_atom_sites.fract_transf_vector[1]      0.474461 
_atom_sites.fract_transf_vector[2]      0.841373 
_atom_sites.fract_transf_vector[3]      0.263158 
# 
loop_
_atom_type.symbol 
C 
N 
O 
P 
# 
loop_
_atom_site.group_PDB 
_atom_site.id 
_atom_site.type_symbol 
_atom_site.label_atom_id 
_atom_site.label_alt_id 
_atom_site.label_comp_id 
_atom_site.label_asym_id 
_atom_site.label_entity_id 
_atom_site.label_seq_id 
_atom_site.pdbx_PDB_ins_code 
_atom_site.Cartn_x 
_atom_site.Cartn_y 
_atom_site.Cartn_z 
_atom_site.occupancy 
_atom_site.B_iso_or_equiv 
_atom_site.pdbx_formal_charge 
_atom_site.auth_seq_id 
_atom_site.auth_comp_id 
_atom_site.auth_asym_id 
_atom_site.auth_atom_id 
_atom_site.pdbx_PDB_model_num 
ATOM   1   O "O5'" . DG  A 1 1  ? 14.237  2.939   -5.284  1.00 34.12  ? 1   DG  A "O5'" 1 
ATOM   2   C "C5'" . DG  A 1 1  ? 14.675  2.264   -6.455  1.00 27.85  ? 1   DG  A "C5'" 1 
ATOM   3   C "C4'" . DG  A 1 1  ? 14.932  0.801   -6.172  1.00 27.53  ? 1   DG  A "C4'" 1 
ATOM   4   O "O4'" . DG  A 1 1  ? 15.856  0.631   -5.091  1.00 29.18  ? 1   DG  A "O4'" 1 
ATOM   5   C "C3'" . DG  A 1 1  ? 13.690  0.077   -5.736  1.00 28.24  ? 1   DG  A "C3'" 1 
ATOM   6   O "O3'" . DG  A 1 1  ? 12.806  -0.075  -6.839  1.00 29.32  ? 1   DG  A "O3'" 1 
ATOM   7   C "C2'" . DG  A 1 1  ? 14.352  -1.181  -5.234  1.00 27.20  ? 1   DG  A "C2'" 1 
ATOM   8   C "C1'" . DG  A 1 1  ? 15.542  -0.626  -4.460  1.00 27.47  ? 1   DG  A "C1'" 1 
ATOM   9   N N9    . DG  A 1 1  ? 15.187  -0.398  -3.058  1.00 26.74  ? 1   DG  A N9    1 
ATOM   10  C C8    . DG  A 1 1  ? 14.996  0.795   -2.418  1.00 25.51  ? 1   DG  A C8    1 
ATOM   11  N N7    . DG  A 1 1  ? 14.943  0.706   -1.127  1.00 27.17  ? 1   DG  A N7    1 
ATOM   12  C C5    . DG  A 1 1  ? 15.092  -0.659  -0.900  1.00 23.85  ? 1   DG  A C5    1 
ATOM   13  C C6    . DG  A 1 1  ? 15.117  -1.368  0.314   1.00 24.75  ? 1   DG  A C6    1 
ATOM   14  O O6    . DG  A 1 1  ? 14.974  -0.936  1.449   1.00 26.99  ? 1   DG  A O6    1 
ATOM   15  N N1    . DG  A 1 1  ? 15.331  -2.710  0.131   1.00 25.76  ? 1   DG  A N1    1 
ATOM   16  C C2    . DG  A 1 1  ? 15.417  -3.326  -1.090  1.00 26.03  ? 1   DG  A C2    1 
ATOM   17  N N2    . DG  A 1 1  ? 15.741  -4.616  -1.079  1.00 23.71  ? 1   DG  A N2    1 
ATOM   18  N N3    . DG  A 1 1  ? 15.246  -2.675  -2.246  1.00 24.37  ? 1   DG  A N3    1 
ATOM   19  C C4    . DG  A 1 1  ? 15.179  -1.343  -2.074  1.00 23.50  ? 1   DG  A C4    1 
ATOM   20  P P     . DG  A 1 2  ? 11.241  -0.381  -6.673  1.00 33.98  ? 2   DG  A P     1 
ATOM   21  O OP1   . DG  A 1 2  ? 10.566  -0.337  -7.995  1.00 39.61  ? 2   DG  A OP1   1 
ATOM   22  O OP2   . DG  A 1 2  ? 10.923  0.630   -5.631  1.00 34.05  ? 2   DG  A OP2   1 
ATOM   23  O "O5'" . DG  A 1 2  ? 11.012  -1.855  -6.060  1.00 32.80  ? 2   DG  A "O5'" 1 
ATOM   24  C "C5'" . DG  A 1 2  ? 11.245  -2.999  -6.874  1.00 29.34  ? 2   DG  A "C5'" 1 
ATOM   25  C "C4'" . DG  A 1 2  ? 11.402  -4.208  -6.008  1.00 27.93  ? 2   DG  A "C4'" 1 
ATOM   26  O "O4'" . DG  A 1 2  ? 12.401  -3.972  -4.997  1.00 28.35  ? 2   DG  A "O4'" 1 
ATOM   27  C "C3'" . DG  A 1 2  ? 10.142  -4.466  -5.232  1.00 28.64  ? 2   DG  A "C3'" 1 
ATOM   28  O "O3'" . DG  A 1 2  ? 9.129   -5.108  -6.039  1.00 29.62  ? 2   DG  A "O3'" 1 
ATOM   29  C "C2'" . DG  A 1 2  ? 10.739  -5.329  -4.134  1.00 27.22  ? 2   DG  A "C2'" 1 
ATOM   30  C "C1'" . DG  A 1 2  ? 12.026  -4.631  -3.774  1.00 23.37  ? 2   DG  A "C1'" 1 
ATOM   31  N N9    . DG  A 1 2  ? 11.790  -3.625  -2.745  1.00 21.60  ? 2   DG  A N9    1 
ATOM   32  C C8    . DG  A 1 2  ? 11.724  -2.260  -2.914  1.00 21.83  ? 2   DG  A C8    1 
ATOM   33  N N7    . DG  A 1 2  ? 11.750  -1.589  -1.812  1.00 21.60  ? 2   DG  A N7    1 
ATOM   34  C C5    . DG  A 1 2  ? 11.850  -2.575  -0.823  1.00 19.31  ? 2   DG  A C5    1 
ATOM   35  C C6    . DG  A 1 2  ? 11.910  -2.431  0.596   1.00 19.88  ? 2   DG  A C6    1 
ATOM   36  O O6    . DG  A 1 2  ? 11.863  -1.397  1.272   1.00 17.05  ? 2   DG  A O6    1 
ATOM   37  N N1    . DG  A 1 2  ? 12.040  -3.663  1.226   1.00 20.45  ? 2   DG  A N1    1 
ATOM   38  C C2    . DG  A 1 2  ? 12.070  -4.879  0.573   1.00 20.78  ? 2   DG  A C2    1 
ATOM   39  N N2    . DG  A 1 2  ? 12.291  -5.954  1.319   1.00 26.99  ? 2   DG  A N2    1 
ATOM   40  N N3    . DG  A 1 2  ? 11.972  -5.017  -0.755  1.00 19.84  ? 2   DG  A N3    1 
ATOM   41  C C4    . DG  A 1 2  ? 11.869  -3.821  -1.390  1.00 20.08  ? 2   DG  A C4    1 
ATOM   42  P P     . DC  A 1 3  ? 7.571   -5.037  -5.600  1.00 30.04  ? 3   DC  A P     1 
ATOM   43  O OP1   . DC  A 1 3  ? 6.844   -5.774  -6.657  1.00 29.95  ? 3   DC  A OP1   1 
ATOM   44  O OP2   . DC  A 1 3  ? 7.435   -3.575  -5.435  1.00 30.32  ? 3   DC  A OP2   1 
ATOM   45  O "O5'" . DC  A 1 3  ? 7.221   -5.720  -4.225  1.00 27.71  ? 3   DC  A "O5'" 1 
ATOM   46  C "C5'" . DC  A 1 3  ? 7.322   -7.125  -4.162  1.00 24.41  ? 3   DC  A "C5'" 1 
ATOM   47  C "C4'" . DC  A 1 3  ? 7.447   -7.479  -2.719  1.00 26.59  ? 3   DC  A "C4'" 1 
ATOM   48  O "O4'" . DC  A 1 3  ? 8.498   -6.685  -2.158  1.00 26.30  ? 3   DC  A "O4'" 1 
ATOM   49  C "C3'" . DC  A 1 3  ? 6.248   -7.067  -1.923  1.00 27.43  ? 3   DC  A "C3'" 1 
ATOM   50  O "O3'" . DC  A 1 3  ? 5.186   -7.997  -2.046  1.00 31.88  ? 3   DC  A "O3'" 1 
ATOM   51  C "C2'" . DC  A 1 3  ? 6.882   -7.144  -0.574  1.00 25.94  ? 3   DC  A "C2'" 1 
ATOM   52  C "C1'" . DC  A 1 3  ? 8.223   -6.482  -0.766  1.00 23.77  ? 3   DC  A "C1'" 1 
ATOM   53  N N1    . DC  A 1 3  ? 8.164   -5.043  -0.417  1.00 20.10  ? 3   DC  A N1    1 
ATOM   54  C C2    . DC  A 1 3  ? 8.365   -4.696  0.902   1.00 21.22  ? 3   DC  A C2    1 
ATOM   55  O O2    . DC  A 1 3  ? 8.417   -5.519  1.812   1.00 23.09  ? 3   DC  A O2    1 
ATOM   56  N N3    . DC  A 1 3  ? 8.526   -3.396  1.209   1.00 21.11  ? 3   DC  A N3    1 
ATOM   57  C C4    . DC  A 1 3  ? 8.475   -2.462  0.256   1.00 20.92  ? 3   DC  A C4    1 
ATOM   58  N N4    . DC  A 1 3  ? 8.604   -1.192  0.623   1.00 23.79  ? 3   DC  A N4    1 
ATOM   59  C C5    . DC  A 1 3  ? 8.285   -2.801  -1.113  1.00 20.03  ? 3   DC  A C5    1 
ATOM   60  C C6    . DC  A 1 3  ? 8.100   -4.099  -1.396  1.00 20.01  ? 3   DC  A C6    1 
ATOM   61  P P     . DC  A 1 4  ? 3.699   -7.511  -1.742  1.00 36.41  ? 4   DC  A P     1 
ATOM   62  O OP1   . DC  A 1 4  ? 3.032   -8.755  -2.180  1.00 39.99  ? 4   DC  A OP1   1 
ATOM   63  O OP2   . DC  A 1 4  ? 3.445   -6.238  -2.457  1.00 38.39  ? 4   DC  A OP2   1 
ATOM   64  O "O5'" . DC  A 1 4  ? 3.449   -7.326  -0.180  1.00 33.23  ? 4   DC  A "O5'" 1 
ATOM   65  C "C5'" . DC  A 1 4  ? 3.258   -8.485  0.603   1.00 29.96  ? 4   DC  A "C5'" 1 
ATOM   66  C "C4'" . DC  A 1 4  ? 3.405   -8.137  2.042   1.00 30.18  ? 4   DC  A "C4'" 1 
ATOM   67  O "O4'" . DC  A 1 4  ? 4.598   -7.371  2.156   1.00 30.00  ? 4   DC  A "O4'" 1 
ATOM   68  C "C3'" . DC  A 1 4  ? 2.305   -7.281  2.599   1.00 31.88  ? 4   DC  A "C3'" 1 
ATOM   69  O "O3'" . DC  A 1 4  ? 1.160   -8.062  2.962   1.00 31.57  ? 4   DC  A "O3'" 1 
ATOM   70  C "C2'" . DC  A 1 4  ? 3.068   -6.803  3.797   1.00 31.54  ? 4   DC  A "C2'" 1 
ATOM   71  C "C1'" . DC  A 1 4  ? 4.461   -6.491  3.269   1.00 29.53  ? 4   DC  A "C1'" 1 
ATOM   72  N N1    . DC  A 1 4  ? 4.627   -5.070  2.870   1.00 24.68  ? 4   DC  A N1    1 
ATOM   73  C C2    . DC  A 1 4  ? 4.865   -4.155  3.864   1.00 25.83  ? 4   DC  A C2    1 
ATOM   74  O O2    . DC  A 1 4  ? 4.925   -4.498  5.046   1.00 26.20  ? 4   DC  A O2    1 
ATOM   75  N N3    . DC  A 1 4  ? 5.053   -2.849  3.516   1.00 24.90  ? 4   DC  A N3    1 
ATOM   76  C C4    . DC  A 1 4  ? 5.167   -2.478  2.231   1.00 23.22  ? 4   DC  A C4    1 
ATOM   77  N N4    . DC  A 1 4  ? 5.443   -1.205  1.948   1.00 20.63  ? 4   DC  A N4    1 
ATOM   78  C C5    . DC  A 1 4  ? 4.983   -3.434  1.186   1.00 23.97  ? 4   DC  A C5    1 
ATOM   79  C C6    . DC  A 1 4  ? 4.651   -4.691  1.557   1.00 26.21  ? 4   DC  A C6    1 
ATOM   80  P P     . DG  A 1 5  ? -0.273  -7.388  2.715   1.00 37.85  ? 5   DG  A P     1 
ATOM   81  O OP1   . DG  A 1 5  ? -0.619  -8.820  2.859   1.00 38.13  ? 5   DG  A OP1   1 
ATOM   82  O OP2   . DG  A 1 5  ? -1.123  -6.525  1.865   1.00 40.85  ? 5   DG  A OP2   1 
ATOM   83  O "O5'" . DG  A 1 5  ? -0.279  -6.706  4.172   1.00 34.71  ? 5   DG  A "O5'" 1 
ATOM   84  C "C5'" . DG  A 1 5  ? -0.586  -7.423  5.368   1.00 30.93  ? 5   DG  A "C5'" 1 
ATOM   85  C "C4'" . DG  A 1 5  ? -0.413  -6.548  6.614   1.00 28.53  ? 5   DG  A "C4'" 1 
ATOM   86  O "O4'" . DG  A 1 5  ? 0.896   -5.934  6.638   1.00 29.77  ? 5   DG  A "O4'" 1 
ATOM   87  C "C3'" . DG  A 1 5  ? -1.385  -5.392  6.659   1.00 28.40  ? 5   DG  A "C3'" 1 
ATOM   88  O "O3'" . DG  A 1 5  ? -2.649  -5.797  7.154   1.00 24.93  ? 5   DG  A "O3'" 1 
ATOM   89  C "C2'" . DG  A 1 5  ? -0.639  -4.502  7.608   1.00 27.16  ? 5   DG  A "C2'" 1 
ATOM   90  C "C1'" . DG  A 1 5  ? 0.800   -4.575  7.110   1.00 26.71  ? 5   DG  A "C1'" 1 
ATOM   91  N N9    . DG  A 1 5  ? 1.067   -3.581  6.010   1.00 24.89  ? 5   DG  A N9    1 
ATOM   92  C C8    . DG  A 1 5  ? 1.251   -3.790  4.652   1.00 21.12  ? 5   DG  A C8    1 
ATOM   93  N N7    . DG  A 1 5  ? 1.662   -2.737  4.010   1.00 19.71  ? 5   DG  A N7    1 
ATOM   94  C C5    . DG  A 1 5  ? 1.766   -1.761  4.989   1.00 18.64  ? 5   DG  A C5    1 
ATOM   95  C C6    . DG  A 1 5  ? 2.074   -0.391  4.855   1.00 19.07  ? 5   DG  A C6    1 
ATOM   96  O O6    . DG  A 1 5  ? 2.508   0.185   3.867   1.00 23.63  ? 5   DG  A O6    1 
ATOM   97  N N1    . DG  A 1 5  ? 1.871   0.311   6.040   1.00 20.65  ? 5   DG  A N1    1 
ATOM   98  C C2    . DG  A 1 5  ? 1.482   -0.262  7.241   1.00 20.16  ? 5   DG  A C2    1 
ATOM   99  N N2    . DG  A 1 5  ? 1.329   0.547   8.285   1.00 16.85  ? 5   DG  A N2    1 
ATOM   100 N N3    . DG  A 1 5  ? 1.240   -1.576  7.382   1.00 18.39  ? 5   DG  A N3    1 
ATOM   101 C C4    . DG  A 1 5  ? 1.370   -2.252  6.209   1.00 19.09  ? 5   DG  A C4    1 
ATOM   102 P P     . DC  A 1 6  ? -3.995  -5.207  6.534   1.00 25.12  ? 6   DC  A P     1 
ATOM   103 O OP1   . DC  A 1 6  ? -5.230  -5.886  6.981   1.00 26.37  ? 6   DC  A OP1   1 
ATOM   104 O OP2   . DC  A 1 6  ? -3.704  -5.048  5.101   1.00 27.74  ? 6   DC  A OP2   1 
ATOM   105 O "O5'" . DC  A 1 6  ? -3.875  -3.776  7.230   1.00 21.85  ? 6   DC  A "O5'" 1 
ATOM   106 C "C5'" . DC  A 1 6  ? -4.210  -3.545  8.598   1.00 18.80  ? 6   DC  A "C5'" 1 
ATOM   107 C "C4'" . DC  A 1 6  ? -3.958  -2.083  8.948   1.00 21.67  ? 6   DC  A "C4'" 1 
ATOM   108 O "O4'" . DC  A 1 6  ? -2.618  -1.697  8.579   1.00 22.65  ? 6   DC  A "O4'" 1 
ATOM   109 C "C3'" . DC  A 1 6  ? -4.783  -1.136  8.138   1.00 20.01  ? 6   DC  A "C3'" 1 
ATOM   110 O "O3'" . DC  A 1 6  ? -6.100  -1.015  8.625   1.00 28.07  ? 6   DC  A "O3'" 1 
ATOM   111 C "C2'" . DC  A 1 6  ? -4.011  0.118   8.353   1.00 18.51  ? 6   DC  A "C2'" 1 
ATOM   112 C "C1'" . DC  A 1 6  ? -2.589  -0.321  8.114   1.00 20.20  ? 6   DC  A "C1'" 1 
ATOM   113 N N1    . DC  A 1 6  ? -2.202  -0.188  6.678   1.00 21.31  ? 6   DC  A N1    1 
ATOM   114 C C2    . DC  A 1 6  ? -1.765  1.062   6.225   1.00 17.35  ? 6   DC  A C2    1 
ATOM   115 O O2    . DC  A 1 6  ? -1.850  2.066   6.921   1.00 20.82  ? 6   DC  A O2    1 
ATOM   116 N N3    . DC  A 1 6  ? -1.232  1.187   4.987   1.00 14.55  ? 6   DC  A N3    1 
ATOM   117 C C4    . DC  A 1 6  ? -1.235  0.143   4.154   1.00 18.53  ? 6   DC  A C4    1 
ATOM   118 N N4    . DC  A 1 6  ? -0.722  0.321   2.922   1.00 15.92  ? 6   DC  A N4    1 
ATOM   119 C C5    . DC  A 1 6  ? -1.722  -1.142  4.577   1.00 14.78  ? 6   DC  A C5    1 
ATOM   120 C C6    . DC  A 1 6  ? -2.168  -1.268  5.841   1.00 18.26  ? 6   DC  A C6    1 
ATOM   121 P P     . DG  A 1 7  ? -7.251  -0.677  7.537   1.00 32.38  ? 7   DG  A P     1 
ATOM   122 O OP1   . DG  A 1 7  ? -8.266  -0.648  8.604   1.00 36.94  ? 7   DG  A OP1   1 
ATOM   123 O OP2   . DG  A 1 7  ? -7.425  -1.611  6.405   1.00 36.22  ? 7   DG  A OP2   1 
ATOM   124 O "O5'" . DG  A 1 7  ? -7.024  0.839   6.990   1.00 32.24  ? 7   DG  A "O5'" 1 
ATOM   125 C "C5'" . DG  A 1 7  ? -7.236  1.958   7.852   1.00 28.13  ? 7   DG  A "C5'" 1 
ATOM   126 C "C4'" . DG  A 1 7  ? -6.812  3.284   7.244   1.00 27.84  ? 7   DG  A "C4'" 1 
ATOM   127 O "O4'" . DG  A 1 7  ? -5.423  3.268   6.905   1.00 26.80  ? 7   DG  A "O4'" 1 
ATOM   128 C "C3'" . DG  A 1 7  ? -7.549  3.691   5.990   1.00 28.10  ? 7   DG  A "C3'" 1 
ATOM   129 O "O3'" . DG  A 1 7  ? -8.804  4.205   6.429   1.00 31.88  ? 7   DG  A "O3'" 1 
ATOM   130 C "C2'" . DG  A 1 7  ? -6.568  4.751   5.499   1.00 24.04  ? 7   DG  A "C2'" 1 
ATOM   131 C "C1'" . DG  A 1 7  ? -5.224  4.113   5.771   1.00 23.15  ? 7   DG  A "C1'" 1 
ATOM   132 N N9    . DG  A 1 7  ? -4.806  3.236   4.684   1.00 16.25  ? 7   DG  A N9    1 
ATOM   133 C C8    . DG  A 1 7  ? -4.938  1.877   4.529   1.00 15.96  ? 7   DG  A C8    1 
ATOM   134 N N7    . DG  A 1 7  ? -4.371  1.416   3.458   1.00 16.07  ? 7   DG  A N7    1 
ATOM   135 C C5    . DG  A 1 7  ? -3.844  2.556   2.858   1.00 18.53  ? 7   DG  A C5    1 
ATOM   136 C C6    . DG  A 1 7  ? -3.151  2.701   1.632   1.00 19.19  ? 7   DG  A C6    1 
ATOM   137 O O6    . DG  A 1 7  ? -2.802  1.818   0.849   1.00 22.40  ? 7   DG  A O6    1 
ATOM   138 N N1    . DG  A 1 7  ? -2.847  4.037   1.368   1.00 16.65  ? 7   DG  A N1    1 
ATOM   139 C C2    . DG  A 1 7  ? -3.236  5.116   2.143   1.00 16.52  ? 7   DG  A C2    1 
ATOM   140 N N2    . DG  A 1 7  ? -2.810  6.329   1.807   1.00 13.09  ? 7   DG  A N2    1 
ATOM   141 N N3    . DG  A 1 7  ? -3.895  4.974   3.285   1.00 17.97  ? 7   DG  A N3    1 
ATOM   142 C C4    . DG  A 1 7  ? -4.116  3.668   3.604   1.00 17.61  ? 7   DG  A C4    1 
ATOM   143 P P     . DG  A 1 8  ? -9.989  4.537   5.416   1.00 29.85  ? 8   DG  A P     1 
ATOM   144 O OP1   . DG  A 1 8  ? -10.958 5.157   6.351   1.00 29.92  ? 8   DG  A OP1   1 
ATOM   145 O OP2   . DG  A 1 8  ? -10.229 3.235   4.744   1.00 27.53  ? 8   DG  A OP2   1 
ATOM   146 O "O5'" . DG  A 1 8  ? -9.552  5.615   4.358   1.00 28.41  ? 8   DG  A "O5'" 1 
ATOM   147 C "C5'" . DG  A 1 8  ? -9.743  5.538   2.963   1.00 26.96  ? 8   DG  A "C5'" 1 
ATOM   148 C "C4'" . DG  A 1 8  ? -8.784  6.550   2.418   1.00 26.52  ? 8   DG  A "C4'" 1 
ATOM   149 O "O4'" . DG  A 1 8  ? -7.466  6.027   2.518   1.00 25.87  ? 8   DG  A "O4'" 1 
ATOM   150 C "C3'" . DG  A 1 8  ? -9.034  6.826   0.978   1.00 28.80  ? 8   DG  A "C3'" 1 
ATOM   151 O "O3'" . DG  A 1 8  ? -10.047 7.827   0.961   1.00 33.11  ? 8   DG  A "O3'" 1 
ATOM   152 C "C2'" . DG  A 1 8  ? -7.665  7.321   0.600   1.00 26.24  ? 8   DG  A "C2'" 1 
ATOM   153 C "C1'" . DG  A 1 8  ? -6.765  6.341   1.305   1.00 24.06  ? 8   DG  A "C1'" 1 
ATOM   154 N N9    . DG  A 1 8  ? -6.578  5.095   0.542   1.00 20.77  ? 8   DG  A N9    1 
ATOM   155 C C8    . DG  A 1 8  ? -6.801  3.804   0.976   1.00 20.63  ? 8   DG  A C8    1 
ATOM   156 N N7    . DG  A 1 8  ? -6.215  2.882   0.258   1.00 20.32  ? 8   DG  A N7    1 
ATOM   157 C C5    . DG  A 1 8  ? -5.601  3.603   -0.755  1.00 18.99  ? 8   DG  A C5    1 
ATOM   158 C C6    . DG  A 1 8  ? -4.879  3.124   -1.871  1.00 19.70  ? 8   DG  A C6    1 
ATOM   159 O O6    . DG  A 1 8  ? -4.721  1.962   -2.219  1.00 23.34  ? 8   DG  A O6    1 
ATOM   160 N N1    . DG  A 1 8  ? -4.345  4.167   -2.611  1.00 19.99  ? 8   DG  A N1    1 
ATOM   161 C C2    . DG  A 1 8  ? -4.544  5.511   -2.328  1.00 18.17  ? 8   DG  A C2    1 
ATOM   162 N N2    . DG  A 1 8  ? -3.972  6.392   -3.124  1.00 19.55  ? 8   DG  A N2    1 
ATOM   163 N N3    . DG  A 1 8  ? -5.277  5.968   -1.314  1.00 20.08  ? 8   DG  A N3    1 
ATOM   164 C C4    . DG  A 1 8  ? -5.797  4.956   -0.583  1.00 20.05  ? 8   DG  A C4    1 
ATOM   165 P P     . DC  A 1 9  ? -11.166 7.759   -0.165  1.00 30.42  ? 9   DC  A P     1 
ATOM   166 O OP1   . DC  A 1 9  ? -11.980 8.896   0.323   1.00 34.05  ? 9   DC  A OP1   1 
ATOM   167 O OP2   . DC  A 1 9  ? -11.707 6.385   -0.233  1.00 29.71  ? 9   DC  A OP2   1 
ATOM   168 O "O5'" . DC  A 1 9  ? -10.474 8.151   -1.515  1.00 27.73  ? 9   DC  A "O5'" 1 
ATOM   169 C "C5'" . DC  A 1 9  ? -9.951  9.465   -1.664  1.00 27.85  ? 9   DC  A "C5'" 1 
ATOM   170 C "C4'" . DC  A 1 9  ? -9.012  9.464   -2.851  1.00 30.72  ? 9   DC  A "C4'" 1 
ATOM   171 O "O4'" . DC  A 1 9  ? -7.943  8.515   -2.666  1.00 31.89  ? 9   DC  A "O4'" 1 
ATOM   172 C "C3'" . DC  A 1 9  ? -9.714  8.999   -4.128  1.00 33.04  ? 9   DC  A "C3'" 1 
ATOM   173 O "O3'" . DC  A 1 9  ? -10.519 10.037  -4.710  1.00 35.47  ? 9   DC  A "O3'" 1 
ATOM   174 C "C2'" . DC  A 1 9  ? -8.476  8.663   -4.940  1.00 32.44  ? 9   DC  A "C2'" 1 
ATOM   175 C "C1'" . DC  A 1 9  ? -7.573  7.956   -3.943  1.00 26.16  ? 9   DC  A "C1'" 1 
ATOM   176 N N1    . DC  A 1 9  ? -7.772  6.496   -4.014  1.00 22.01  ? 9   DC  A N1    1 
ATOM   177 C C2    . DC  A 1 9  ? -6.994  5.804   -4.911  1.00 21.79  ? 9   DC  A C2    1 
ATOM   178 O O2    . DC  A 1 9  ? -6.311  6.386   -5.748  1.00 23.77  ? 9   DC  A O2    1 
ATOM   179 N N3    . DC  A 1 9  ? -6.961  4.450   -4.861  1.00 21.31  ? 9   DC  A N3    1 
ATOM   180 C C4    . DC  A 1 9  ? -7.609  3.809   -3.895  1.00 21.31  ? 9   DC  A C4    1 
ATOM   181 N N4    . DC  A 1 9  ? -7.371  2.506   -3.751  1.00 24.01  ? 9   DC  A N4    1 
ATOM   182 C C5    . DC  A 1 9  ? -8.464  4.509   -2.977  1.00 18.82  ? 9   DC  A C5    1 
ATOM   183 C C6    . DC  A 1 9  ? -8.523  5.846   -3.091  1.00 16.84  ? 9   DC  A C6    1 
ATOM   184 P P     . DC  A 1 10 ? -11.869 9.642   -5.484  1.00 40.39  ? 10  DC  A P     1 
ATOM   185 O OP1   . DC  A 1 10 ? -12.287 11.065  -5.653  1.00 43.29  ? 10  DC  A OP1   1 
ATOM   186 O OP2   . DC  A 1 10 ? -12.847 8.626   -5.022  1.00 42.47  ? 10  DC  A OP2   1 
ATOM   187 O "O5'" . DC  A 1 10 ? -11.290 9.124   -6.887  1.00 37.83  ? 10  DC  A "O5'" 1 
ATOM   188 C "C5'" . DC  A 1 10 ? -10.649 9.973   -7.844  1.00 34.54  ? 10  DC  A "C5'" 1 
ATOM   189 C "C4'" . DC  A 1 10 ? -10.024 9.148   -8.977  1.00 33.30  ? 10  DC  A "C4'" 1 
ATOM   190 O "O4'" . DC  A 1 10 ? -9.019  8.245   -8.470  1.00 30.15  ? 10  DC  A "O4'" 1 
ATOM   191 C "C3'" . DC  A 1 10 ? -11.073 8.264   -9.658  1.00 33.86  ? 10  DC  A "C3'" 1 
ATOM   192 O "O3'" . DC  A 1 10 ? -11.934 8.971   -10.594 1.00 33.58  ? 10  DC  A "O3'" 1 
ATOM   193 C "C2'" . DC  A 1 10 ? -10.125 7.258   -10.247 1.00 30.58  ? 10  DC  A "C2'" 1 
ATOM   194 C "C1'" . DC  A 1 10 ? -9.063  7.016   -9.193  1.00 26.80  ? 10  DC  A "C1'" 1 
ATOM   195 N N1    . DC  A 1 10 ? -9.339  5.827   -8.316  1.00 23.09  ? 10  DC  A N1    1 
ATOM   196 C C2    . DC  A 1 10 ? -8.673  4.647   -8.605  1.00 21.54  ? 10  DC  A C2    1 
ATOM   197 O O2    . DC  A 1 10 ? -7.948  4.517   -9.585  1.00 21.13  ? 10  DC  A O2    1 
ATOM   198 N N3    . DC  A 1 10 ? -8.831  3.591   -7.787  1.00 21.78  ? 10  DC  A N3    1 
ATOM   199 C C4    . DC  A 1 10 ? -9.638  3.652   -6.742  1.00 19.67  ? 10  DC  A C4    1 
ATOM   200 N N4    . DC  A 1 10 ? -9.842  2.533   -6.054  1.00 18.98  ? 10  DC  A N4    1 
ATOM   201 C C5    . DC  A 1 10 ? -10.292 4.876   -6.384  1.00 21.54  ? 10  DC  A C5    1 
ATOM   202 C C6    . DC  A 1 10 ? -10.079 5.941   -7.181  1.00 18.88  ? 10  DC  A C6    1 
HETATM 203 O O     . HOH B 2 .  ? 2.262   -0.531  1.187   1.00 39.97  ? 101 HOH A O     1 
HETATM 204 O O     . HOH B 2 .  ? 10.676  1.275   -2.534  1.00 46.26  ? 102 HOH A O     1 
HETATM 205 O O     . HOH B 2 .  ? 2.986   -7.803  8.922   1.00 46.38  ? 103 HOH A O     1 
HETATM 206 O O     . HOH B 2 .  ? 7.265   -5.816  7.382   1.00 35.69  ? 104 HOH A O     1 
HETATM 207 O O     . HOH B 2 .  ? 1.335   -3.701  1.394   1.00 79.59  ? 105 HOH A O     1 
HETATM 208 O O     . HOH B 2 .  ? -5.658  9.900   -10.351 1.00 59.58  ? 106 HOH A O     1 
HETATM 209 O O     . HOH B 2 .  ? 9.697   -8.433  2.976   1.00 48.09  ? 107 HOH A O     1 
HETATM 210 O O     . HOH B 2 .  ? -2.007  -4.245  3.004   1.00 44.79  ? 108 HOH A O     1 
HETATM 211 O O     . HOH B 2 .  ? -5.840  8.112   -8.345  1.00 73.33  ? 109 HOH A O     1 
HETATM 212 O O     . HOH B 2 .  ? -0.826  -2.067  1.237   1.00 44.14  ? 110 HOH A O     1 
HETATM 213 O O     . HOH B 2 .  ? 5.014   -3.595  -2.510  1.00 44.06  ? 111 HOH A O     1 
HETATM 214 O O     . HOH B 2 .  ? -5.174  -2.692  4.994   1.00 53.58  ? 112 HOH A O     1 
HETATM 215 O O     . HOH B 2 .  ? -12.190 6.178   -3.428  1.00 66.86  ? 113 HOH A O     1 
HETATM 216 O O     . HOH B 2 .  ? -4.280  -7.861  9.307   1.00 76.44  ? 114 HOH A O     1 
HETATM 217 O O     . HOH B 2 .  ? -8.824  1.366   -1.498  1.00 48.29  ? 115 HOH A O     1 
HETATM 218 O O     . HOH B 2 .  ? -14.120 7.195   -1.566  1.00 93.29  ? 116 HOH A O     1 
HETATM 219 O O     . HOH B 2 .  ? -7.352  8.614   -11.987 1.00 46.72  ? 117 HOH A O     1 
HETATM 220 O O     . HOH B 2 .  ? 6.565   -3.936  -9.925  1.00 72.96  ? 118 HOH A O     1 
HETATM 221 O O     . HOH B 2 .  ? 4.969   -0.948  -1.148  1.00 62.25  ? 119 HOH A O     1 
HETATM 222 O O     . HOH B 2 .  ? 7.204   -0.802  -4.284  1.00 49.97  ? 120 HOH A O     1 
HETATM 223 O O     . HOH B 2 .  ? 12.252  1.140   0.093   1.00 51.93  ? 121 HOH A O     1 
HETATM 224 O O     . HOH B 2 .  ? -10.879 1.983   -3.359  1.00 70.05  ? 122 HOH A O     1 
HETATM 225 O O     . HOH B 2 .  ? -10.866 3.600   -0.573  1.00 58.34  ? 123 HOH A O     1 
HETATM 226 O O     . HOH B 2 .  ? 4.405   1.213   0.657   1.00 83.31  ? 124 HOH A O     1 
HETATM 227 O O     . HOH B 2 .  ? -3.441  9.112   -3.576  1.00 54.57  ? 125 HOH A O     1 
HETATM 228 O O     . HOH B 2 .  ? -7.816  -4.709  6.379   1.00 75.20  ? 126 HOH A O     1 
HETATM 229 O O     . HOH B 2 .  ? -3.696  -6.420  11.653  1.00 50.40  ? 127 HOH A O     1 
HETATM 230 O O     . HOH B 2 .  ? 6.554   -1.737  -7.551  1.00 60.36  ? 128 HOH A O     1 
HETATM 231 O O     . HOH B 2 .  ? 4.607   -6.576  7.131   1.00 46.26  ? 129 HOH A O     1 
HETATM 232 O O     . HOH B 2 .  ? -8.040  -6.993  4.810   1.00 69.42  ? 130 HOH A O     1 
HETATM 233 O O     . HOH B 2 .  ? 3.037   -9.996  7.383   1.00 84.85  ? 131 HOH A O     1 
HETATM 234 O O     . HOH B 2 .  ? 6.309   2.001   -3.971  1.00 71.74  ? 132 HOH A O     1 
HETATM 235 O O     . HOH B 2 .  ? -0.445  -7.979  -1.601  1.00 77.88  ? 133 HOH A O     1 
HETATM 236 O O     . HOH B 2 .  ? -5.570  -7.934  4.023   1.00 78.20  ? 134 HOH A O     1 
HETATM 237 O O     . HOH B 2 .  ? -14.230 7.983   1.520   1.00 97.42  ? 135 HOH A O     1 
HETATM 238 O O     . HOH B 2 .  ? -13.203 5.714   2.826   1.00 82.90  ? 136 HOH A O     1 
HETATM 239 O O     . HOH B 2 .  ? 3.632   -6.740  -6.112  1.00 76.60  ? 137 HOH A O     1 
HETATM 240 O O     . HOH B 2 .  ? -4.996  -1.390  0.707   1.00 27.57  ? 138 HOH A O     1 
HETATM 241 O O     . HOH B 2 .  ? -0.408  -10.433 -0.148  1.00 84.68  ? 139 HOH A O     1 
HETATM 242 O O     . HOH B 2 .  ? -6.907  -0.133  -2.867  1.00 68.38  ? 140 HOH A O     1 
HETATM 243 O O     . HOH B 2 .  ? 8.495   -1.909  -9.406  1.00 79.19  ? 141 HOH A O     1 
HETATM 244 O O     . HOH B 2 .  ? -5.655  11.833  -3.140  1.00 78.21  ? 142 HOH A O     1 
HETATM 245 O O     . HOH B 2 .  ? -8.924  1.880   2.842   1.00 66.19  ? 143 HOH A O     1 
HETATM 246 O O     . HOH B 2 .  ? 3.218   -3.958  -6.489  1.00 61.36  ? 144 HOH A O     1 
HETATM 247 O O     . HOH B 2 .  ? 17.117  -6.148  -2.929  1.00 39.97  ? 145 HOH A O     1 
HETATM 248 O O     . HOH B 2 .  ? 4.159   -4.553  -8.995  1.00 73.14  ? 146 HOH A O     1 
HETATM 249 O O     . HOH B 2 .  ? -12.236 6.364   8.738   1.00 98.67  ? 147 HOH A O     1 
HETATM 250 O O     . HOH B 2 .  ? 7.153   -9.174  2.198   1.00 78.83  ? 148 HOH A O     1 
HETATM 251 O O     . HOH B 2 .  ? 8.175   0.403   -1.999  1.00 57.03  ? 149 HOH A O     1 
HETATM 252 O O     . HOH B 2 .  ? -7.509  5.992   -12.048 1.00 69.60  ? 150 HOH A O     1 
HETATM 253 O O     . HOH B 2 .  ? -9.275  11.450  1.271   1.00 72.03  ? 151 HOH A O     1 
HETATM 254 O O     . HOH B 2 .  ? 0.739   -6.016  0.019   1.00 71.01  ? 152 HOH A O     1 
HETATM 255 O O     . HOH B 2 .  ? -10.959 0.809   1.106   1.00 87.32  ? 153 HOH A O     1 
HETATM 256 O O     . HOH B 2 .  ? 5.062   -2.233  -5.200  1.00 93.65  ? 154 HOH A O     1 
HETATM 257 O O     . HOH B 2 .  ? -10.101 5.061   -12.232 1.00 92.89  ? 155 HOH A O     1 
HETATM 258 O O     . HOH B 2 .  ? -6.007  -5.809  10.293  1.00 73.68  ? 156 HOH A O     1 
HETATM 259 O O     . HOH B 2 .  ? -12.528 3.112   1.665   1.00 100.71 ? 157 HOH A O     1 
HETATM 260 O O     . HOH B 2 .  ? 7.989   2.995   -5.940  1.00 103.43 ? 158 HOH A O     1 
HETATM 261 O O     . HOH B 2 .  ? 9.728   1.668   1.120   1.00 104.50 ? 159 HOH A O     1 
# 
